data_8BSP
#
_entry.id   8BSP
#
_cell.length_a   59.962
_cell.length_b   71.771
_cell.length_c   78.341
_cell.angle_alpha   90.00
_cell.angle_beta   90.00
_cell.angle_gamma   90.00
#
_symmetry.space_group_name_H-M   'P 21 21 21'
#
loop_
_entity.id
_entity.type
_entity.pdbx_description
1 polymer 'Palmitoleoyl-protein carboxylesterase NOTUM'
2 non-polymer 'SULFATE ION'
3 non-polymer 2-acetamido-2-deoxy-beta-D-glucopyranose
4 non-polymer 'DIMETHYL SULFOXIDE'
5 non-polymer 'methyl 4-oxidanylidene-4-[4-(trifluoromethyl)-2,3-dihydroindol-1-yl]butanoate'
6 water water
#
_entity_poly.entity_id   1
_entity_poly.type   'polypeptide(L)'
_entity_poly.pdbx_seq_one_letter_code
;ETGSAQQLNEDLRLHLLLNTSVTCNDGSPAGYYLKESRGSRRWLLFLEGGWYCFNRENCDSRYDTMRRLMSSRDWPRTRT
GTGILSSQPEENPYWWNANMVFIPYCSSDVWSGASSKSEKNEYAFMGALIIQEVVRELLGRGLSGAKVLLLAGSSAGGTG
VLLNVDRVAEQLEKLGYPAIQVRGLADSGWFLDNKQYRHTDCVDTITCAPTEAIRRGIRYWNGVVPERCRRQFQEGEEWN
CFFGYKVYPTLRSPVFVVQWLFDEAQLTVDNVHLTGQPVQEGLRLYIQNLGRELRHTLKDVPASFAPACLSHEIIIRSHW
TDVQVKGTSLPRALHCWDRSLHDSHKASKTPLKGCPVHLVDSCPWPHCNPSCPTGTKHHHHHH
;
_entity_poly.pdbx_strand_id   A
#
loop_
_chem_comp.id
_chem_comp.type
_chem_comp.name
_chem_comp.formula
DMS non-polymer 'DIMETHYL SULFOXIDE' 'C2 H6 O S'
NAG D-saccharide, beta linking 2-acetamido-2-deoxy-beta-D-glucopyranose 'C8 H15 N O6'
RD9 non-polymer 'methyl 4-oxidanylidene-4-[4-(trifluoromethyl)-2,3-dihydroindol-1-yl]butanoate' 'C14 H14 F3 N O3'
SO4 non-polymer 'SULFATE ION' 'O4 S -2'
#
# COMPACT_ATOMS: atom_id res chain seq x y z
N ASP A 11 10.76 -18.73 -2.20
CA ASP A 11 11.87 -18.47 -1.30
C ASP A 11 11.44 -17.68 -0.07
N LEU A 12 10.20 -17.19 -0.03
CA LEU A 12 9.62 -16.66 1.20
C LEU A 12 8.75 -17.74 1.84
N ARG A 13 9.00 -18.05 3.12
CA ARG A 13 8.37 -19.18 3.79
C ARG A 13 7.25 -18.72 4.71
N LEU A 14 6.15 -19.45 4.70
CA LEU A 14 4.98 -19.07 5.49
C LEU A 14 5.18 -19.31 6.98
N HIS A 15 4.79 -18.33 7.79
CA HIS A 15 4.64 -18.46 9.23
C HIS A 15 3.26 -17.97 9.60
N LEU A 16 2.43 -18.84 10.18
CA LEU A 16 1.17 -18.38 10.74
C LEU A 16 1.43 -17.75 12.09
N LEU A 17 0.62 -16.75 12.43
CA LEU A 17 0.88 -16.01 13.65
C LEU A 17 0.72 -16.90 14.87
N LEU A 18 1.67 -16.80 15.80
CA LEU A 18 1.60 -17.56 17.03
C LEU A 18 0.43 -17.10 17.88
N ASN A 19 0.09 -15.82 17.80
CA ASN A 19 -1.12 -15.30 18.42
C ASN A 19 -2.26 -15.59 17.46
N THR A 20 -2.94 -16.72 17.66
CA THR A 20 -3.98 -17.12 16.73
C THR A 20 -5.30 -16.39 16.95
N SER A 21 -5.35 -15.44 17.90
CA SER A 21 -6.47 -14.51 18.00
C SER A 21 -6.40 -13.39 16.97
N VAL A 22 -5.29 -13.25 16.26
CA VAL A 22 -5.15 -12.27 15.20
C VAL A 22 -5.42 -13.01 13.90
N THR A 23 -6.59 -12.77 13.31
CA THR A 23 -7.11 -13.65 12.29
C THR A 23 -7.44 -12.91 11.00
N CYS A 24 -7.50 -13.70 9.93
CA CYS A 24 -8.12 -13.33 8.68
C CYS A 24 -9.63 -13.19 8.88
N ASN A 25 -10.33 -12.80 7.80
CA ASN A 25 -11.77 -12.55 7.91
C ASN A 25 -12.53 -13.72 8.53
N ASP A 26 -12.21 -14.95 8.15
CA ASP A 26 -13.02 -16.08 8.57
C ASP A 26 -12.57 -16.72 9.88
N GLY A 27 -11.65 -16.07 10.61
CA GLY A 27 -11.17 -16.59 11.86
C GLY A 27 -9.95 -17.48 11.76
N SER A 28 -9.54 -17.88 10.55
CA SER A 28 -8.27 -18.59 10.39
C SER A 28 -7.12 -17.66 10.75
N PRO A 29 -5.98 -18.20 11.21
CA PRO A 29 -4.89 -17.33 11.65
C PRO A 29 -4.29 -16.55 10.48
N ALA A 30 -3.96 -15.29 10.74
CA ALA A 30 -3.21 -14.54 9.74
C ALA A 30 -1.75 -14.99 9.76
N GLY A 31 -0.93 -14.38 8.91
CA GLY A 31 0.45 -14.83 8.86
C GLY A 31 1.29 -13.91 8.01
N TYR A 32 2.50 -14.39 7.72
CA TYR A 32 3.45 -13.66 6.90
C TYR A 32 4.39 -14.67 6.25
N TYR A 33 4.98 -14.27 5.13
CA TYR A 33 6.02 -15.04 4.47
C TYR A 33 7.35 -14.32 4.67
N LEU A 34 8.38 -15.07 5.03
CA LEU A 34 9.65 -14.47 5.45
C LEU A 34 10.81 -15.12 4.69
N LYS A 35 11.70 -14.27 4.19
CA LYS A 35 13.03 -14.71 3.75
C LYS A 35 14.04 -13.89 4.53
N GLU A 36 14.76 -14.53 5.44
CA GLU A 36 15.77 -13.82 6.22
C GLU A 36 17.04 -13.61 5.39
N SER A 37 17.77 -12.54 5.72
CA SER A 37 19.08 -12.28 5.15
C SER A 37 20.03 -12.03 6.32
N ARG A 38 20.88 -13.02 6.62
CA ARG A 38 21.62 -13.02 7.88
C ARG A 38 22.51 -11.79 8.02
N GLY A 39 23.11 -11.33 6.93
CA GLY A 39 24.02 -10.21 7.08
C GLY A 39 23.38 -8.84 7.15
N SER A 40 22.05 -8.73 7.11
CA SER A 40 21.40 -7.46 6.83
C SER A 40 20.64 -6.91 8.04
N ARG A 41 20.74 -5.60 8.24
CA ARG A 41 19.91 -4.90 9.21
C ARG A 41 18.79 -4.10 8.54
N ARG A 42 18.50 -4.37 7.28
CA ARG A 42 17.36 -3.78 6.58
C ARG A 42 16.22 -4.79 6.50
N TRP A 43 15.01 -4.32 6.80
CA TRP A 43 13.80 -5.14 6.76
C TRP A 43 12.77 -4.49 5.85
N LEU A 44 12.22 -5.27 4.93
CA LEU A 44 11.16 -4.83 4.05
C LEU A 44 9.90 -5.63 4.38
N LEU A 45 8.87 -4.94 4.86
CA LEU A 45 7.58 -5.58 5.13
C LEU A 45 6.57 -5.07 4.11
N PHE A 46 6.06 -5.97 3.27
CA PHE A 46 5.19 -5.60 2.16
C PHE A 46 3.74 -6.01 2.43
N LEU A 47 2.83 -5.05 2.27
CA LEU A 47 1.39 -5.27 2.43
C LEU A 47 0.74 -5.54 1.07
N GLU A 48 0.21 -6.75 0.90
CA GLU A 48 -0.57 -7.09 -0.29
C GLU A 48 -1.82 -6.23 -0.37
N GLY A 49 -2.29 -6.00 -1.61
CA GLY A 49 -3.54 -5.34 -1.86
C GLY A 49 -4.61 -6.28 -2.38
N GLY A 50 -5.71 -5.67 -2.86
CA GLY A 50 -6.82 -6.43 -3.41
C GLY A 50 -8.20 -5.96 -2.98
N TRP A 51 -8.46 -4.66 -3.15
CA TRP A 51 -9.78 -4.04 -2.89
C TRP A 51 -10.16 -4.27 -1.43
N TYR A 52 -11.44 -4.51 -1.15
CA TYR A 52 -11.99 -4.58 0.21
C TYR A 52 -13.46 -4.97 0.08
N CYS A 53 -14.09 -5.26 1.22
CA CYS A 53 -15.54 -5.47 1.25
C CYS A 53 -16.09 -4.73 2.46
N PHE A 54 -17.37 -4.36 2.41
CA PHE A 54 -17.85 -3.42 3.41
C PHE A 54 -19.25 -3.70 3.94
N ASN A 55 -19.87 -4.82 3.60
CA ASN A 55 -21.08 -5.26 4.27
C ASN A 55 -21.15 -6.78 4.17
N ARG A 56 -22.15 -7.37 4.82
CA ARG A 56 -22.27 -8.82 4.85
C ARG A 56 -22.40 -9.38 3.44
N GLU A 57 -23.23 -8.76 2.61
CA GLU A 57 -23.51 -9.33 1.30
C GLU A 57 -22.29 -9.26 0.39
N ASN A 58 -21.58 -8.13 0.34
CA ASN A 58 -20.44 -8.13 -0.57
C ASN A 58 -19.24 -8.87 0.02
N CYS A 59 -19.14 -8.98 1.35
CA CYS A 59 -18.09 -9.83 1.91
C CYS A 59 -18.40 -11.30 1.67
N ASP A 60 -19.68 -11.70 1.74
CA ASP A 60 -20.04 -13.07 1.41
C ASP A 60 -19.65 -13.43 -0.01
N SER A 61 -19.88 -12.49 -0.95
CA SER A 61 -19.52 -12.74 -2.35
CA SER A 61 -19.53 -12.77 -2.34
C SER A 61 -18.02 -12.90 -2.50
N ARG A 62 -17.26 -12.01 -1.86
CA ARG A 62 -15.80 -12.11 -1.87
C ARG A 62 -15.35 -13.45 -1.29
N TYR A 63 -16.07 -13.96 -0.29
CA TYR A 63 -15.64 -15.23 0.31
C TYR A 63 -15.83 -16.39 -0.64
N ASP A 64 -16.73 -16.25 -1.62
CA ASP A 64 -16.99 -17.32 -2.57
C ASP A 64 -15.92 -17.41 -3.64
N THR A 65 -15.43 -16.27 -4.11
CA THR A 65 -14.59 -16.23 -5.31
C THR A 65 -13.25 -15.54 -5.10
N MET A 66 -12.99 -15.01 -3.91
N MET A 66 -12.96 -15.02 -3.91
CA MET A 66 -11.71 -14.40 -3.58
CA MET A 66 -11.68 -14.42 -3.58
C MET A 66 -11.31 -14.84 -2.17
C MET A 66 -11.27 -14.85 -2.18
N ARG A 67 -11.42 -16.15 -1.92
CA ARG A 67 -11.30 -16.63 -0.54
C ARG A 67 -9.88 -16.49 0.01
N ARG A 68 -8.84 -16.57 -0.83
CA ARG A 68 -7.49 -16.37 -0.31
C ARG A 68 -7.28 -14.97 0.25
N LEU A 69 -8.13 -14.01 -0.13
CA LEU A 69 -8.10 -12.67 0.45
C LEU A 69 -8.95 -12.57 1.71
N MET A 70 -9.44 -13.70 2.24
CA MET A 70 -10.29 -13.69 3.42
C MET A 70 -9.95 -14.81 4.40
N SER A 71 -8.89 -15.58 4.13
CA SER A 71 -8.69 -16.84 4.83
C SER A 71 -7.27 -17.29 4.56
N SER A 72 -6.65 -17.92 5.55
CA SER A 72 -5.35 -18.55 5.34
C SER A 72 -5.44 -20.05 5.06
N ARG A 73 -6.66 -20.60 4.99
CA ARG A 73 -6.81 -22.05 4.96
C ARG A 73 -6.12 -22.66 3.75
N ASP A 74 -6.08 -21.96 2.62
CA ASP A 74 -5.53 -22.52 1.40
C ASP A 74 -4.22 -21.86 0.98
N TRP A 75 -3.54 -21.17 1.91
CA TRP A 75 -2.28 -20.53 1.59
C TRP A 75 -1.19 -21.56 1.31
N PRO A 76 -0.34 -21.31 0.33
CA PRO A 76 0.79 -22.21 0.07
C PRO A 76 1.91 -22.01 1.09
N ARG A 77 2.76 -23.03 1.20
CA ARG A 77 3.84 -23.01 2.19
C ARG A 77 4.90 -21.98 1.84
N THR A 78 5.07 -21.66 0.55
CA THR A 78 6.06 -20.68 0.14
C THR A 78 5.48 -19.77 -0.93
N ARG A 79 6.15 -18.64 -1.13
CA ARG A 79 5.87 -17.75 -2.24
C ARG A 79 7.19 -17.27 -2.81
N THR A 80 7.19 -16.94 -4.09
CA THR A 80 8.38 -16.42 -4.76
C THR A 80 8.33 -14.90 -4.70
N GLY A 81 9.43 -14.30 -4.23
CA GLY A 81 9.53 -12.85 -4.19
C GLY A 81 9.82 -12.30 -5.57
N THR A 82 9.06 -11.26 -5.94
CA THR A 82 9.17 -10.62 -7.24
C THR A 82 9.34 -9.12 -7.04
N GLY A 83 9.99 -8.48 -8.00
CA GLY A 83 10.17 -7.03 -7.93
C GLY A 83 11.01 -6.65 -6.73
N ILE A 84 10.48 -5.73 -5.92
CA ILE A 84 11.19 -5.28 -4.74
C ILE A 84 11.31 -6.38 -3.69
N LEU A 85 10.54 -7.46 -3.83
CA LEU A 85 10.70 -8.63 -2.98
C LEU A 85 11.60 -9.70 -3.58
N SER A 86 12.24 -9.43 -4.72
CA SER A 86 13.22 -10.38 -5.25
C SER A 86 14.54 -10.23 -4.52
N SER A 87 15.21 -11.37 -4.32
CA SER A 87 16.55 -11.41 -3.73
C SER A 87 17.66 -11.40 -4.76
N GLN A 88 17.33 -11.25 -6.04
CA GLN A 88 18.33 -11.21 -7.10
C GLN A 88 18.63 -9.77 -7.47
N PRO A 89 19.90 -9.33 -7.42
CA PRO A 89 20.19 -7.92 -7.78
C PRO A 89 19.77 -7.56 -9.19
N GLU A 90 19.77 -8.52 -10.12
CA GLU A 90 19.34 -8.25 -11.48
C GLU A 90 17.88 -7.80 -11.53
N GLU A 91 17.04 -8.39 -10.68
CA GLU A 91 15.63 -8.02 -10.65
C GLU A 91 15.34 -6.89 -9.68
N ASN A 92 16.17 -6.73 -8.66
CA ASN A 92 15.91 -5.82 -7.56
C ASN A 92 17.20 -5.08 -7.24
N PRO A 93 17.49 -4.02 -7.99
CA PRO A 93 18.71 -3.24 -7.72
C PRO A 93 18.69 -2.55 -6.38
N TYR A 94 17.52 -2.40 -5.78
CA TYR A 94 17.38 -1.55 -4.59
C TYR A 94 17.81 -2.27 -3.31
N TRP A 95 17.05 -3.29 -2.91
CA TRP A 95 17.17 -3.90 -1.59
C TRP A 95 17.21 -5.42 -1.68
N TRP A 96 17.95 -5.96 -2.67
CA TRP A 96 17.94 -7.40 -2.90
C TRP A 96 18.46 -8.19 -1.71
N ASN A 97 19.31 -7.59 -0.87
CA ASN A 97 19.89 -8.33 0.24
C ASN A 97 19.16 -8.09 1.56
N ALA A 98 18.03 -7.39 1.53
CA ALA A 98 17.29 -7.13 2.75
C ALA A 98 16.58 -8.39 3.23
N ASN A 99 16.24 -8.39 4.52
CA ASN A 99 15.24 -9.31 5.03
C ASN A 99 13.91 -8.95 4.41
N MET A 100 13.19 -9.95 3.86
CA MET A 100 11.95 -9.69 3.13
C MET A 100 10.77 -10.35 3.82
N VAL A 101 9.67 -9.60 3.93
CA VAL A 101 8.43 -10.10 4.51
C VAL A 101 7.28 -9.72 3.58
N PHE A 102 6.48 -10.70 3.20
CA PHE A 102 5.24 -10.48 2.44
C PHE A 102 4.09 -10.81 3.37
N ILE A 103 3.24 -9.83 3.66
CA ILE A 103 2.12 -10.03 4.57
C ILE A 103 0.85 -10.17 3.71
N PRO A 104 0.27 -11.35 3.62
CA PRO A 104 -0.95 -11.52 2.82
C PRO A 104 -2.07 -10.66 3.36
N TYR A 105 -2.84 -10.12 2.43
CA TYR A 105 -4.03 -9.31 2.72
C TYR A 105 -5.21 -10.25 2.87
N CYS A 106 -5.63 -10.51 4.11
CA CYS A 106 -6.76 -11.41 4.31
C CYS A 106 -7.80 -10.80 5.23
N SER A 107 -7.82 -9.47 5.36
CA SER A 107 -8.76 -8.78 6.23
C SER A 107 -9.74 -7.86 5.50
N SER A 108 -9.56 -7.60 4.20
CA SER A 108 -10.57 -6.93 3.36
C SER A 108 -10.99 -5.57 3.90
N ASP A 109 -10.07 -4.89 4.60
CA ASP A 109 -10.37 -3.68 5.35
C ASP A 109 -9.36 -2.56 5.09
N VAL A 110 -8.64 -2.62 3.96
CA VAL A 110 -7.56 -1.67 3.65
C VAL A 110 -6.58 -1.59 4.81
N TRP A 111 -6.38 -2.70 5.52
CA TRP A 111 -5.41 -2.80 6.61
C TRP A 111 -5.76 -1.89 7.78
N SER A 112 -7.05 -1.58 7.97
CA SER A 112 -7.46 -0.63 8.99
C SER A 112 -8.22 -1.24 10.16
N GLY A 113 -8.58 -2.52 10.08
CA GLY A 113 -9.58 -3.03 11.01
C GLY A 113 -8.99 -3.43 12.35
N ALA A 114 -9.84 -3.36 13.39
CA ALA A 114 -9.52 -3.85 14.71
C ALA A 114 -10.76 -4.46 15.36
N SER A 115 -11.33 -5.47 14.71
CA SER A 115 -12.53 -6.13 15.22
C SER A 115 -12.45 -7.62 15.00
N SER A 116 -12.88 -8.38 16.01
CA SER A 116 -12.85 -9.84 15.96
C SER A 116 -14.18 -10.41 15.46
N LYS A 117 -14.10 -11.62 14.91
CA LYS A 117 -15.30 -12.41 14.66
C LYS A 117 -15.90 -12.82 16.00
N SER A 118 -17.22 -12.64 16.15
CA SER A 118 -17.89 -12.84 17.43
C SER A 118 -19.35 -13.17 17.15
N GLU A 119 -20.15 -13.28 18.22
CA GLU A 119 -21.59 -13.52 18.05
C GLU A 119 -22.27 -12.37 17.34
N LYS A 120 -21.66 -11.19 17.31
CA LYS A 120 -22.22 -10.04 16.61
C LYS A 120 -21.56 -9.78 15.26
N ASN A 121 -20.44 -10.44 14.96
CA ASN A 121 -19.66 -10.16 13.76
C ASN A 121 -19.41 -11.46 13.00
N GLU A 122 -19.97 -11.55 11.79
CA GLU A 122 -19.73 -12.72 10.95
C GLU A 122 -18.26 -12.82 10.54
N TYR A 123 -17.61 -11.69 10.32
CA TYR A 123 -16.22 -11.66 9.87
C TYR A 123 -15.36 -10.88 10.85
N ALA A 124 -14.08 -11.23 10.90
CA ALA A 124 -13.09 -10.44 11.63
C ALA A 124 -12.42 -9.48 10.66
N PHE A 125 -12.22 -8.24 11.10
CA PHE A 125 -11.48 -7.25 10.31
C PHE A 125 -10.34 -6.76 11.18
N MET A 126 -9.17 -7.36 10.97
CA MET A 126 -8.07 -7.16 11.91
C MET A 126 -6.81 -6.64 11.23
N GLY A 127 -6.94 -5.98 10.07
CA GLY A 127 -5.77 -5.56 9.32
C GLY A 127 -4.75 -4.79 10.14
N ALA A 128 -5.20 -3.80 10.91
CA ALA A 128 -4.24 -2.99 11.68
C ALA A 128 -3.54 -3.82 12.73
N LEU A 129 -4.24 -4.80 13.31
CA LEU A 129 -3.66 -5.66 14.32
C LEU A 129 -2.76 -6.73 13.72
N ILE A 130 -3.06 -7.18 12.50
CA ILE A 130 -2.18 -8.12 11.82
C ILE A 130 -0.80 -7.51 11.65
N ILE A 131 -0.74 -6.26 11.19
CA ILE A 131 0.56 -5.60 11.01
C ILE A 131 1.31 -5.53 12.33
N GLN A 132 0.64 -5.08 13.39
CA GLN A 132 1.28 -4.98 14.70
C GLN A 132 1.78 -6.33 15.18
N GLU A 133 1.02 -7.40 14.94
CA GLU A 133 1.42 -8.71 15.45
C GLU A 133 2.57 -9.29 14.64
N VAL A 134 2.57 -9.04 13.33
CA VAL A 134 3.71 -9.45 12.51
C VAL A 134 4.98 -8.76 13.01
N VAL A 135 4.91 -7.45 13.23
CA VAL A 135 6.08 -6.72 13.72
C VAL A 135 6.54 -7.30 15.05
N ARG A 136 5.59 -7.55 15.97
CA ARG A 136 5.96 -8.06 17.29
C ARG A 136 6.65 -9.43 17.19
N GLU A 137 6.11 -10.34 16.36
CA GLU A 137 6.70 -11.66 16.27
C GLU A 137 8.02 -11.65 15.50
N LEU A 138 8.21 -10.70 14.58
CA LEU A 138 9.47 -10.60 13.85
C LEU A 138 10.61 -10.13 14.75
N LEU A 139 10.31 -9.39 15.82
CA LEU A 139 11.38 -8.90 16.68
C LEU A 139 12.21 -10.06 17.22
N GLY A 140 11.59 -11.21 17.46
CA GLY A 140 12.34 -12.37 17.91
C GLY A 140 13.04 -13.15 16.82
N ARG A 141 12.84 -12.77 15.55
CA ARG A 141 13.46 -13.44 14.41
C ARG A 141 14.50 -12.55 13.73
N GLY A 142 14.97 -11.51 14.41
CA GLY A 142 16.02 -10.66 13.89
C GLY A 142 15.64 -9.20 13.73
N LEU A 143 14.35 -8.86 13.74
CA LEU A 143 13.97 -7.46 13.57
C LEU A 143 14.49 -6.60 14.71
N SER A 144 14.74 -7.19 15.89
CA SER A 144 15.27 -6.42 17.01
C SER A 144 16.60 -5.77 16.68
N GLY A 145 17.34 -6.34 15.73
CA GLY A 145 18.63 -5.77 15.37
C GLY A 145 18.57 -4.89 14.13
N ALA A 146 17.38 -4.49 13.71
CA ALA A 146 17.23 -3.73 12.48
C ALA A 146 17.71 -2.29 12.63
N LYS A 147 18.21 -1.74 11.53
CA LYS A 147 18.45 -0.31 11.40
C LYS A 147 17.35 0.41 10.65
N VAL A 148 16.71 -0.25 9.67
CA VAL A 148 15.64 0.35 8.89
C VAL A 148 14.54 -0.69 8.70
N LEU A 149 13.30 -0.29 8.94
CA LEU A 149 12.14 -1.08 8.59
C LEU A 149 11.36 -0.27 7.56
N LEU A 150 11.29 -0.77 6.33
CA LEU A 150 10.51 -0.13 5.28
C LEU A 150 9.19 -0.89 5.17
N LEU A 151 8.10 -0.22 5.52
CA LEU A 151 6.76 -0.76 5.37
C LEU A 151 6.26 -0.34 3.98
N ALA A 152 6.14 -1.31 3.08
CA ALA A 152 5.74 -1.05 1.71
C ALA A 152 4.42 -1.75 1.44
N GLY A 153 3.80 -1.42 0.30
CA GLY A 153 2.52 -2.03 -0.04
C GLY A 153 1.99 -1.50 -1.34
N SER A 154 1.21 -2.32 -2.04
CA SER A 154 0.61 -1.94 -3.31
C SER A 154 -0.92 -1.96 -3.22
N SER A 155 -1.54 -1.01 -3.91
N SER A 155 -1.55 -1.05 -3.96
CA SER A 155 -3.00 -0.89 -4.03
CA SER A 155 -3.01 -0.81 -4.01
C SER A 155 -3.58 -0.70 -2.64
C SER A 155 -3.58 -0.68 -2.59
N ALA A 156 -4.51 -1.55 -2.17
CA ALA A 156 -5.00 -1.41 -0.80
C ALA A 156 -3.87 -1.50 0.22
N GLY A 157 -2.81 -2.25 -0.10
CA GLY A 157 -1.65 -2.27 0.77
C GLY A 157 -0.88 -0.96 0.77
N GLY A 158 -0.93 -0.22 -0.34
CA GLY A 158 -0.30 1.11 -0.36
C GLY A 158 -1.03 2.09 0.53
N THR A 159 -2.37 2.11 0.44
CA THR A 159 -3.16 2.87 1.41
C THR A 159 -2.87 2.38 2.83
N GLY A 160 -2.73 1.05 2.99
CA GLY A 160 -2.40 0.49 4.29
C GLY A 160 -1.10 1.02 4.88
N VAL A 161 -0.09 1.26 4.03
CA VAL A 161 1.14 1.91 4.50
C VAL A 161 0.83 3.25 5.13
N LEU A 162 0.04 4.07 4.41
CA LEU A 162 -0.27 5.40 4.90
C LEU A 162 -1.02 5.35 6.22
N LEU A 163 -1.91 4.36 6.37
CA LEU A 163 -2.69 4.23 7.60
C LEU A 163 -1.89 3.67 8.77
N ASN A 164 -0.81 2.95 8.49
CA ASN A 164 -0.16 2.17 9.54
C ASN A 164 1.30 2.49 9.82
N VAL A 165 2.00 3.25 8.94
CA VAL A 165 3.44 3.41 9.13
C VAL A 165 3.77 4.10 10.46
N ASP A 166 3.02 5.14 10.84
CA ASP A 166 3.31 5.81 12.10
C ASP A 166 2.94 4.94 13.30
N ARG A 167 1.95 4.05 13.16
CA ARG A 167 1.65 3.16 14.27
C ARG A 167 2.76 2.13 14.48
N VAL A 168 3.36 1.66 13.38
CA VAL A 168 4.53 0.78 13.53
C VAL A 168 5.67 1.51 14.22
N ALA A 169 5.90 2.78 13.85
CA ALA A 169 6.95 3.54 14.52
C ALA A 169 6.65 3.73 15.99
N GLU A 170 5.40 4.04 16.32
CA GLU A 170 5.02 4.18 17.72
C GLU A 170 5.15 2.86 18.49
N GLN A 171 4.79 1.75 17.84
CA GLN A 171 4.86 0.43 18.48
C GLN A 171 6.28 0.07 18.83
N LEU A 172 7.20 0.28 17.88
CA LEU A 172 8.60 -0.04 18.15
C LEU A 172 9.18 0.86 19.23
N GLU A 173 8.78 2.14 19.25
CA GLU A 173 9.28 3.04 20.29
C GLU A 173 8.82 2.58 21.67
N LYS A 174 7.55 2.18 21.78
CA LYS A 174 7.02 1.74 23.07
C LYS A 174 7.51 0.36 23.46
N LEU A 175 7.99 -0.44 22.51
CA LEU A 175 8.60 -1.72 22.83
C LEU A 175 10.09 -1.61 23.16
N GLY A 176 10.66 -0.42 23.07
CA GLY A 176 12.04 -0.20 23.46
C GLY A 176 13.04 -0.29 22.32
N TYR A 177 12.61 -0.03 21.09
CA TYR A 177 13.47 -0.12 19.91
C TYR A 177 13.49 1.21 19.17
N PRO A 178 13.92 2.30 19.82
CA PRO A 178 13.85 3.61 19.16
C PRO A 178 14.89 3.82 18.08
N ALA A 179 15.85 2.91 17.92
CA ALA A 179 16.87 3.05 16.89
C ALA A 179 16.43 2.53 15.54
N ILE A 180 15.36 1.75 15.47
CA ILE A 180 14.89 1.25 14.18
C ILE A 180 14.20 2.40 13.45
N GLN A 181 14.71 2.75 12.28
CA GLN A 181 14.12 3.83 11.48
C GLN A 181 12.98 3.26 10.65
N VAL A 182 11.75 3.72 10.92
CA VAL A 182 10.57 3.24 10.19
C VAL A 182 10.27 4.21 9.06
N ARG A 183 10.07 3.67 7.86
CA ARG A 183 9.78 4.43 6.66
C ARG A 183 8.65 3.71 5.93
N GLY A 184 7.99 4.44 5.05
CA GLY A 184 6.88 3.90 4.28
C GLY A 184 7.11 4.03 2.78
N LEU A 185 6.60 3.05 2.05
CA LEU A 185 6.62 3.05 0.58
C LEU A 185 5.22 2.68 0.09
N ALA A 186 4.46 3.69 -0.35
CA ALA A 186 3.05 3.52 -0.71
C ALA A 186 2.91 3.51 -2.22
N ASP A 187 2.58 2.34 -2.77
CA ASP A 187 2.48 2.14 -4.21
C ASP A 187 1.01 1.99 -4.60
N SER A 188 0.52 2.85 -5.50
CA SER A 188 -0.81 2.74 -6.06
C SER A 188 -1.91 2.77 -5.00
N GLY A 189 -1.66 3.52 -3.92
CA GLY A 189 -2.63 3.66 -2.84
C GLY A 189 -3.01 5.10 -2.58
N TRP A 190 -2.76 5.98 -3.56
CA TRP A 190 -2.91 7.43 -3.45
C TRP A 190 -4.08 7.85 -4.35
N PHE A 191 -5.28 7.88 -3.79
CA PHE A 191 -6.50 8.07 -4.55
C PHE A 191 -7.11 9.45 -4.31
N LEU A 192 -7.92 9.88 -5.27
CA LEU A 192 -8.62 11.15 -5.20
C LEU A 192 -10.11 10.91 -4.98
N ASP A 193 -10.70 11.66 -4.06
CA ASP A 193 -12.14 11.65 -3.87
C ASP A 193 -12.78 12.68 -4.80
N ASN A 194 -12.63 12.42 -6.09
CA ASN A 194 -13.04 13.36 -7.12
C ASN A 194 -14.44 13.02 -7.63
N LYS A 195 -14.96 13.87 -8.52
CA LYS A 195 -16.23 13.59 -9.17
C LYS A 195 -16.04 12.48 -10.21
N GLN A 196 -16.97 11.54 -10.22
CA GLN A 196 -16.96 10.50 -11.22
C GLN A 196 -17.27 11.06 -12.60
N TYR A 197 -16.75 10.39 -13.64
CA TYR A 197 -17.07 10.76 -15.00
C TYR A 197 -18.56 10.55 -15.30
N ARG A 198 -19.11 9.42 -14.84
CA ARG A 198 -20.53 9.15 -14.81
C ARG A 198 -20.89 8.61 -13.43
N HIS A 199 -22.11 8.85 -12.99
CA HIS A 199 -22.49 8.46 -11.64
C HIS A 199 -23.17 7.09 -11.64
N THR A 200 -23.12 6.44 -10.49
CA THR A 200 -23.66 5.10 -10.33
C THR A 200 -24.48 4.99 -9.04
N CYS A 202 -23.28 2.40 -7.12
CA CYS A 202 -22.26 1.92 -6.19
C CYS A 202 -22.53 0.47 -5.77
N CYS A 208 -17.78 2.20 -7.84
CA CYS A 208 -18.53 2.87 -6.80
C CYS A 208 -17.83 4.13 -6.30
N ALA A 209 -18.61 5.05 -5.72
CA ALA A 209 -18.06 6.20 -5.03
C ALA A 209 -17.33 5.72 -3.78
N PRO A 210 -15.99 5.76 -3.80
CA PRO A 210 -15.23 5.18 -2.68
C PRO A 210 -15.48 5.86 -1.36
N THR A 211 -15.81 7.16 -1.37
CA THR A 211 -16.05 7.85 -0.10
C THR A 211 -17.15 7.16 0.69
N GLU A 212 -18.28 6.86 0.04
CA GLU A 212 -19.40 6.25 0.77
C GLU A 212 -19.07 4.83 1.21
N ALA A 213 -18.41 4.05 0.34
CA ALA A 213 -18.10 2.67 0.69
C ALA A 213 -17.09 2.61 1.83
N ILE A 214 -16.10 3.50 1.83
CA ILE A 214 -15.14 3.57 2.94
C ILE A 214 -15.83 4.04 4.22
N ARG A 215 -16.75 5.01 4.12
CA ARG A 215 -17.52 5.42 5.27
C ARG A 215 -18.23 4.22 5.91
N ARG A 216 -18.89 3.40 5.08
CA ARG A 216 -19.59 2.23 5.61
C ARG A 216 -18.59 1.19 6.11
N GLY A 217 -17.48 1.02 5.40
CA GLY A 217 -16.47 0.05 5.81
C GLY A 217 -15.90 0.32 7.18
N ILE A 218 -15.51 1.58 7.46
CA ILE A 218 -14.95 1.92 8.76
C ILE A 218 -15.86 1.47 9.89
N ARG A 219 -17.16 1.70 9.76
CA ARG A 219 -18.09 1.26 10.80
C ARG A 219 -18.17 -0.26 10.86
N TYR A 220 -18.19 -0.91 9.70
CA TYR A 220 -18.31 -2.37 9.64
C TYR A 220 -17.06 -3.05 10.18
N TRP A 221 -15.90 -2.43 9.98
CA TRP A 221 -14.61 -3.01 10.32
C TRP A 221 -14.10 -2.61 11.70
N ASN A 222 -14.73 -1.63 12.35
CA ASN A 222 -14.10 -0.90 13.43
C ASN A 222 -12.74 -0.37 12.97
N GLY A 223 -12.77 0.33 11.83
CA GLY A 223 -11.53 0.79 11.23
C GLY A 223 -10.85 1.88 12.04
N VAL A 224 -9.53 1.88 12.01
CA VAL A 224 -8.75 2.87 12.73
C VAL A 224 -7.84 3.60 11.75
N VAL A 225 -7.60 4.87 12.06
CA VAL A 225 -6.79 5.72 11.19
C VAL A 225 -5.72 6.39 12.07
N PRO A 226 -4.68 6.96 11.46
CA PRO A 226 -3.63 7.60 12.26
C PRO A 226 -4.17 8.70 13.14
N GLU A 227 -3.56 8.85 14.32
CA GLU A 227 -4.12 9.70 15.37
C GLU A 227 -4.21 11.16 14.96
N ARG A 228 -3.15 11.71 14.35
CA ARG A 228 -3.19 13.13 14.01
C ARG A 228 -4.27 13.40 12.97
N CYS A 229 -4.40 12.51 12.00
CA CYS A 229 -5.46 12.65 10.99
C CYS A 229 -6.84 12.50 11.63
N ARG A 230 -6.98 11.54 12.55
CA ARG A 230 -8.24 11.38 13.27
C ARG A 230 -8.63 12.64 14.01
N ARG A 231 -7.65 13.30 14.63
CA ARG A 231 -7.95 14.49 15.43
C ARG A 231 -8.32 15.67 14.54
N GLN A 232 -7.82 15.71 13.31
CA GLN A 232 -8.23 16.74 12.35
C GLN A 232 -9.66 16.54 11.89
N PHE A 233 -9.99 15.34 11.42
CA PHE A 233 -11.28 15.15 10.78
C PHE A 233 -12.40 14.79 11.77
N GLN A 234 -12.05 14.15 12.89
CA GLN A 234 -12.95 13.83 14.00
C GLN A 234 -14.04 12.83 13.66
N GLU A 235 -14.94 12.61 14.62
CA GLU A 235 -15.86 11.49 14.55
C GLU A 235 -16.76 11.57 13.33
N GLY A 236 -16.94 10.43 12.66
CA GLY A 236 -17.76 10.35 11.48
C GLY A 236 -17.09 10.77 10.20
N GLU A 237 -15.91 11.38 10.28
CA GLU A 237 -15.22 11.88 9.09
C GLU A 237 -13.87 11.20 8.90
N GLU A 238 -13.62 10.09 9.58
CA GLU A 238 -12.31 9.45 9.48
C GLU A 238 -12.07 8.83 8.10
N TRP A 239 -13.12 8.64 7.28
CA TRP A 239 -12.93 8.18 5.91
C TRP A 239 -11.96 9.08 5.15
N ASN A 240 -11.86 10.36 5.53
CA ASN A 240 -10.94 11.28 4.87
C ASN A 240 -9.51 10.78 4.93
N CYS A 241 -9.15 10.08 6.01
CA CYS A 241 -7.76 9.65 6.22
C CYS A 241 -7.37 8.49 5.32
N PHE A 242 -8.32 7.92 4.57
CA PHE A 242 -8.00 6.91 3.58
C PHE A 242 -7.52 7.52 2.27
N PHE A 243 -7.53 8.84 2.16
CA PHE A 243 -7.15 9.52 0.93
C PHE A 243 -5.78 10.14 1.14
N GLY A 244 -4.81 9.64 0.37
CA GLY A 244 -3.41 9.96 0.61
C GLY A 244 -3.12 11.44 0.80
N TYR A 245 -3.65 12.29 -0.10
CA TYR A 245 -3.28 13.69 -0.02
C TYR A 245 -3.77 14.35 1.27
N LYS A 246 -4.73 13.74 1.97
CA LYS A 246 -5.21 14.23 3.24
C LYS A 246 -4.48 13.62 4.44
N VAL A 247 -4.12 12.35 4.36
CA VAL A 247 -3.47 11.71 5.50
C VAL A 247 -1.96 11.97 5.49
N TYR A 248 -1.35 11.98 4.31
CA TYR A 248 0.10 12.16 4.22
C TYR A 248 0.65 13.36 5.01
N PRO A 249 0.06 14.57 4.94
CA PRO A 249 0.64 15.70 5.69
C PRO A 249 0.62 15.51 7.19
N THR A 250 -0.19 14.59 7.71
CA THR A 250 -0.26 14.33 9.15
C THR A 250 0.79 13.34 9.63
N LEU A 251 1.51 12.68 8.72
CA LEU A 251 2.42 11.61 9.08
C LEU A 251 3.80 12.13 9.43
N ARG A 252 4.46 11.44 10.36
CA ARG A 252 5.81 11.80 10.78
C ARG A 252 6.89 10.93 10.13
N SER A 253 6.58 9.68 9.84
CA SER A 253 7.57 8.81 9.23
C SER A 253 7.79 9.22 7.78
N PRO A 254 9.02 9.14 7.27
CA PRO A 254 9.26 9.41 5.84
C PRO A 254 8.49 8.44 4.97
N VAL A 255 7.76 8.96 3.98
CA VAL A 255 6.96 8.12 3.09
C VAL A 255 7.26 8.47 1.64
N PHE A 256 7.65 7.45 0.87
CA PHE A 256 7.86 7.57 -0.58
C PHE A 256 6.56 7.14 -1.26
N VAL A 257 6.02 7.99 -2.13
CA VAL A 257 4.74 7.76 -2.78
C VAL A 257 4.99 7.38 -4.23
N VAL A 258 4.52 6.21 -4.62
CA VAL A 258 4.55 5.76 -6.01
C VAL A 258 3.11 5.74 -6.52
N GLN A 259 2.83 6.48 -7.59
CA GLN A 259 1.45 6.52 -8.09
C GLN A 259 1.43 6.79 -9.59
N TRP A 260 0.87 5.86 -10.37
CA TRP A 260 0.59 6.18 -11.76
C TRP A 260 -0.35 7.37 -11.82
N LEU A 261 -0.10 8.29 -12.75
CA LEU A 261 -0.97 9.46 -12.84
C LEU A 261 -2.37 9.09 -13.32
N PHE A 262 -2.48 8.02 -14.12
CA PHE A 262 -3.77 7.55 -14.63
C PHE A 262 -4.02 6.13 -14.13
N ASP A 263 -4.15 6.01 -12.82
CA ASP A 263 -4.25 4.69 -12.21
C ASP A 263 -5.55 4.00 -12.61
N GLU A 264 -5.45 2.72 -13.00
CA GLU A 264 -6.62 2.00 -13.47
C GLU A 264 -7.69 1.88 -12.40
N ALA A 265 -7.30 1.70 -11.14
CA ALA A 265 -8.31 1.61 -10.09
C ALA A 265 -9.01 2.94 -9.88
N GLN A 266 -8.26 4.05 -9.93
CA GLN A 266 -8.88 5.38 -9.88
C GLN A 266 -9.90 5.55 -11.00
N LEU A 267 -9.51 5.19 -12.22
CA LEU A 267 -10.43 5.34 -13.34
C LEU A 267 -11.66 4.45 -13.16
N THR A 268 -11.47 3.25 -12.61
CA THR A 268 -12.60 2.34 -12.39
C THR A 268 -13.61 2.94 -11.42
N VAL A 269 -13.16 3.44 -10.28
CA VAL A 269 -14.09 4.03 -9.32
C VAL A 269 -14.65 5.33 -9.86
N ASP A 270 -14.00 5.94 -10.84
CA ASP A 270 -14.54 7.11 -11.51
C ASP A 270 -15.50 6.78 -12.64
N ASN A 271 -15.76 5.49 -12.86
CA ASN A 271 -16.67 5.02 -13.91
C ASN A 271 -16.16 5.39 -15.29
N VAL A 272 -14.84 5.25 -15.49
CA VAL A 272 -14.21 5.43 -16.80
C VAL A 272 -13.80 4.04 -17.30
N HIS A 273 -14.26 3.69 -18.50
CA HIS A 273 -13.91 2.42 -19.15
C HIS A 273 -13.55 2.72 -20.60
N LEU A 274 -12.29 2.57 -20.94
CA LEU A 274 -11.78 2.96 -22.26
C LEU A 274 -12.09 1.91 -23.33
N PRO A 278 -12.16 5.48 -29.02
CA PRO A 278 -12.18 6.83 -29.62
C PRO A 278 -12.71 7.87 -28.63
N VAL A 279 -11.79 8.51 -27.92
CA VAL A 279 -12.13 9.34 -26.77
C VAL A 279 -12.58 10.72 -27.24
N GLN A 280 -13.79 11.11 -26.84
CA GLN A 280 -14.27 12.42 -27.25
C GLN A 280 -13.94 13.46 -26.17
N GLU A 281 -14.34 14.71 -26.45
CA GLU A 281 -13.78 15.85 -25.72
C GLU A 281 -14.06 15.79 -24.22
N GLY A 282 -15.28 15.43 -23.83
CA GLY A 282 -15.61 15.39 -22.42
C GLY A 282 -14.72 14.44 -21.64
N LEU A 283 -14.51 13.23 -22.19
CA LEU A 283 -13.68 12.25 -21.51
C LEU A 283 -12.21 12.62 -21.61
N ARG A 284 -11.80 13.21 -22.72
CA ARG A 284 -10.42 13.69 -22.85
C ARG A 284 -10.09 14.69 -21.75
N LEU A 285 -10.96 15.69 -21.57
CA LEU A 285 -10.73 16.69 -20.54
C LEU A 285 -10.79 16.05 -19.15
N TYR A 286 -11.69 15.08 -18.96
CA TYR A 286 -11.77 14.40 -17.67
C TYR A 286 -10.45 13.71 -17.33
N ILE A 287 -9.90 12.95 -18.29
CA ILE A 287 -8.65 12.24 -18.04
C ILE A 287 -7.50 13.21 -17.84
N GLN A 288 -7.43 14.27 -18.65
CA GLN A 288 -6.35 15.23 -18.50
C GLN A 288 -6.45 15.94 -17.15
N ASN A 289 -7.66 16.26 -16.73
CA ASN A 289 -7.83 16.91 -15.43
CA ASN A 289 -7.80 16.91 -15.43
C ASN A 289 -7.47 15.97 -14.29
N LEU A 290 -7.75 14.66 -14.44
CA LEU A 290 -7.36 13.71 -13.40
C LEU A 290 -5.85 13.69 -13.23
N GLY A 291 -5.11 13.60 -14.33
CA GLY A 291 -3.66 13.64 -14.27
C GLY A 291 -3.14 14.93 -13.65
N ARG A 292 -3.76 16.06 -14.01
CA ARG A 292 -3.35 17.33 -13.44
C ARG A 292 -3.60 17.38 -11.94
N GLU A 293 -4.76 16.87 -11.49
CA GLU A 293 -5.08 16.88 -10.06
C GLU A 293 -4.11 15.99 -9.29
N LEU A 294 -3.83 14.80 -9.83
CA LEU A 294 -2.87 13.92 -9.17
C LEU A 294 -1.51 14.58 -9.04
N ARG A 295 -1.02 15.14 -10.15
CA ARG A 295 0.25 15.85 -10.13
C ARG A 295 0.24 16.97 -9.09
N HIS A 296 -0.87 17.71 -9.00
CA HIS A 296 -0.98 18.78 -8.02
C HIS A 296 -0.85 18.27 -6.59
N THR A 297 -1.48 17.13 -6.28
CA THR A 297 -1.40 16.61 -4.92
C THR A 297 -0.01 16.13 -4.55
N LEU A 298 0.84 15.87 -5.53
CA LEU A 298 2.20 15.41 -5.28
C LEU A 298 3.21 16.54 -5.26
N LYS A 299 2.78 17.78 -5.50
CA LYS A 299 3.72 18.89 -5.68
C LYS A 299 4.62 19.05 -4.48
N ASP A 300 4.09 18.85 -3.27
CA ASP A 300 4.83 19.01 -2.03
C ASP A 300 5.10 17.66 -1.37
N VAL A 301 5.20 16.60 -2.16
CA VAL A 301 5.62 15.30 -1.67
C VAL A 301 7.05 15.11 -2.15
N PRO A 302 8.06 15.30 -1.28
CA PRO A 302 9.44 15.32 -1.79
C PRO A 302 9.91 14.00 -2.36
N ALA A 303 9.43 12.89 -1.85
CA ALA A 303 9.86 11.57 -2.35
C ALA A 303 8.67 10.93 -3.06
N SER A 304 8.69 10.94 -4.39
CA SER A 304 7.56 10.46 -5.14
C SER A 304 7.99 10.06 -6.54
N PHE A 305 7.23 9.13 -7.12
CA PHE A 305 7.52 8.59 -8.44
C PHE A 305 6.17 8.40 -9.11
N ALA A 306 5.88 9.20 -10.11
CA ALA A 306 4.51 9.30 -10.64
C ALA A 306 4.54 9.40 -12.16
N PRO A 307 4.63 8.26 -12.84
CA PRO A 307 4.69 8.27 -14.31
C PRO A 307 3.32 8.45 -14.95
N ALA A 308 3.33 9.08 -16.12
CA ALA A 308 2.10 9.34 -16.88
C ALA A 308 1.70 8.10 -17.68
N CYS A 309 1.22 7.09 -16.96
CA CYS A 309 0.79 5.82 -17.54
C CYS A 309 -0.56 5.41 -16.98
N LEU A 310 -1.29 4.67 -17.80
CA LEU A 310 -2.51 3.98 -17.42
C LEU A 310 -2.10 2.58 -17.00
N SER A 311 -2.05 2.34 -15.70
CA SER A 311 -1.60 1.06 -15.13
C SER A 311 -2.04 0.99 -13.67
N HIS A 312 -1.56 -0.03 -12.96
CA HIS A 312 -1.94 -0.21 -11.56
C HIS A 312 -0.92 -1.11 -10.89
N GLU A 313 -0.32 -0.64 -9.79
CA GLU A 313 0.77 -1.28 -9.06
C GLU A 313 2.08 -1.27 -9.83
N ILE A 314 3.21 -1.33 -9.12
CA ILE A 314 4.51 -1.43 -9.77
C ILE A 314 5.53 -2.23 -8.97
N ILE A 315 5.55 -2.10 -7.63
CA ILE A 315 6.79 -2.48 -6.97
C ILE A 315 7.01 -3.98 -6.82
N ILE A 316 6.00 -4.86 -6.92
CA ILE A 316 6.32 -6.30 -6.92
C ILE A 316 6.19 -6.90 -8.31
N ARG A 317 6.15 -6.07 -9.35
CA ARG A 317 6.18 -6.56 -10.72
C ARG A 317 7.61 -6.88 -11.14
N SER A 318 7.78 -8.01 -11.84
CA SER A 318 9.14 -8.44 -12.18
C SER A 318 9.87 -7.42 -13.04
N HIS A 319 9.15 -6.68 -13.90
CA HIS A 319 9.77 -5.67 -14.76
C HIS A 319 9.64 -4.27 -14.18
N TRP A 320 9.57 -4.15 -12.86
CA TRP A 320 9.41 -2.85 -12.22
C TRP A 320 10.58 -1.91 -12.49
N THR A 321 11.74 -2.43 -12.88
CA THR A 321 12.91 -1.61 -13.14
C THR A 321 12.82 -0.84 -14.44
N ASP A 322 11.81 -1.14 -15.28
CA ASP A 322 11.82 -0.64 -16.66
C ASP A 322 11.29 0.79 -16.78
N VAL A 323 10.32 1.19 -15.97
CA VAL A 323 9.73 2.52 -16.14
C VAL A 323 10.69 3.55 -15.58
N GLN A 324 10.76 4.69 -16.25
CA GLN A 324 11.59 5.80 -15.79
C GLN A 324 10.79 7.09 -15.89
N VAL A 325 11.08 8.01 -14.98
CA VAL A 325 10.59 9.38 -15.08
C VAL A 325 11.81 10.28 -15.19
N LYS A 326 11.83 11.14 -16.21
CA LYS A 326 12.98 12.00 -16.49
C LYS A 326 14.29 11.21 -16.50
N GLY A 327 14.25 9.98 -17.04
CA GLY A 327 15.41 9.14 -17.16
C GLY A 327 15.86 8.42 -15.90
N THR A 328 15.08 8.47 -14.81
CA THR A 328 15.43 7.82 -13.55
C THR A 328 14.42 6.71 -13.25
N SER A 329 14.92 5.51 -12.99
CA SER A 329 14.06 4.38 -12.65
C SER A 329 13.61 4.47 -11.19
N LEU A 330 12.58 3.67 -10.84
CA LEU A 330 12.11 3.66 -9.47
C LEU A 330 13.15 3.06 -8.52
N PRO A 331 13.82 1.94 -8.86
CA PRO A 331 14.89 1.47 -7.96
C PRO A 331 15.94 2.53 -7.71
N ARG A 332 16.30 3.32 -8.74
CA ARG A 332 17.27 4.39 -8.51
C ARG A 332 16.71 5.44 -7.59
N ALA A 333 15.47 5.89 -7.85
CA ALA A 333 14.84 6.89 -6.99
C ALA A 333 14.80 6.45 -5.54
N LEU A 334 14.48 5.17 -5.30
CA LEU A 334 14.46 4.66 -3.94
C LEU A 334 15.85 4.66 -3.32
N HIS A 335 16.88 4.30 -4.09
CA HIS A 335 18.25 4.40 -3.60
C HIS A 335 18.62 5.85 -3.28
N CYS A 336 18.19 6.81 -4.13
CA CYS A 336 18.45 8.21 -3.84
C CYS A 336 17.74 8.67 -2.57
N TRP A 337 16.52 8.14 -2.36
CA TRP A 337 15.79 8.37 -1.13
C TRP A 337 16.58 7.89 0.08
N ASP A 338 17.11 6.65 0.00
CA ASP A 338 17.96 6.12 1.06
C ASP A 338 19.10 7.07 1.37
N ARG A 339 19.76 7.57 0.32
CA ARG A 339 20.90 8.47 0.51
C ARG A 339 20.44 9.77 1.16
N SER A 340 19.27 10.27 0.75
CA SER A 340 18.76 11.52 1.29
C SER A 340 18.45 11.42 2.77
N LEU A 341 18.20 10.21 3.27
CA LEU A 341 17.86 9.99 4.67
C LEU A 341 19.06 9.60 5.51
N HIS A 342 20.24 9.50 4.92
CA HIS A 342 21.48 9.35 5.70
C HIS A 342 21.62 10.53 6.64
N PRO A 351 19.86 18.44 -1.60
CA PRO A 351 19.63 17.48 -2.69
C PRO A 351 20.92 16.92 -3.26
N LEU A 352 20.80 15.78 -3.94
CA LEU A 352 21.95 15.02 -4.40
C LEU A 352 22.12 15.21 -5.91
N LYS A 353 23.34 15.47 -6.33
CA LYS A 353 23.65 15.65 -7.74
C LYS A 353 23.32 14.38 -8.52
N GLY A 354 22.39 14.49 -9.46
CA GLY A 354 22.09 13.35 -10.31
C GLY A 354 21.43 12.17 -9.63
N CYS A 355 20.90 12.37 -8.42
CA CYS A 355 20.21 11.32 -7.65
C CYS A 355 18.89 11.89 -7.15
N PRO A 356 17.91 12.03 -8.03
CA PRO A 356 16.66 12.68 -7.66
C PRO A 356 15.71 11.76 -6.91
N VAL A 357 14.87 12.38 -6.08
N VAL A 357 14.84 12.35 -6.08
CA VAL A 357 13.85 11.66 -5.33
CA VAL A 357 13.81 11.59 -5.39
C VAL A 357 12.43 12.07 -5.71
C VAL A 357 12.41 12.07 -5.69
N HIS A 358 12.25 13.25 -6.29
CA HIS A 358 10.93 13.77 -6.66
C HIS A 358 10.78 13.67 -8.17
N LEU A 359 9.97 12.72 -8.63
CA LEU A 359 9.92 12.37 -10.05
C LEU A 359 8.46 12.24 -10.49
N VAL A 360 7.89 13.34 -10.96
CA VAL A 360 6.48 13.38 -11.35
C VAL A 360 6.42 13.82 -12.80
N ASP A 361 5.80 13.00 -13.66
CA ASP A 361 5.68 13.37 -15.06
C ASP A 361 4.80 14.60 -15.20
N SER A 362 5.12 15.43 -16.19
CA SER A 362 4.29 16.57 -16.51
C SER A 362 3.53 16.41 -17.82
N CYS A 363 3.81 15.37 -18.60
CA CYS A 363 3.05 15.26 -19.84
C CYS A 363 1.64 14.76 -19.54
N PRO A 364 0.64 15.13 -20.36
CA PRO A 364 -0.75 15.13 -19.89
C PRO A 364 -1.62 13.96 -20.34
N TRP A 365 -1.07 12.92 -20.96
CA TRP A 365 -1.91 11.83 -21.47
C TRP A 365 -1.25 10.48 -21.21
N PRO A 366 -2.02 9.44 -20.90
CA PRO A 366 -1.42 8.12 -20.67
C PRO A 366 -0.51 7.70 -21.82
N HIS A 367 0.67 7.18 -21.44
CA HIS A 367 1.70 6.68 -22.34
C HIS A 367 2.41 7.81 -23.10
N CYS A 368 2.30 9.05 -22.63
CA CYS A 368 3.18 10.10 -23.14
C CYS A 368 4.61 9.91 -22.64
N ASN A 369 4.76 9.10 -21.60
CA ASN A 369 6.06 8.58 -21.18
C ASN A 369 6.34 7.31 -21.97
N PRO A 370 7.41 7.24 -22.75
CA PRO A 370 7.64 6.04 -23.58
C PRO A 370 8.00 4.79 -22.77
N SER A 371 8.38 4.91 -21.51
CA SER A 371 8.74 3.76 -20.70
C SER A 371 7.55 3.14 -19.98
N CYS A 372 6.33 3.59 -20.28
CA CYS A 372 5.15 3.03 -19.63
C CYS A 372 5.02 1.53 -19.91
N PRO A 373 4.43 0.76 -18.98
CA PRO A 373 4.24 -0.67 -19.23
C PRO A 373 3.42 -0.91 -20.48
N THR A 374 3.74 -1.99 -21.18
CA THR A 374 3.10 -2.31 -22.45
C THR A 374 1.77 -3.02 -22.27
N GLY A 375 1.57 -3.71 -21.17
CA GLY A 375 0.42 -4.59 -21.01
C GLY A 375 0.76 -6.00 -21.44
S SO4 B . -9.76 -18.41 -4.13
O1 SO4 B . -11.19 -18.03 -4.11
O2 SO4 B . -9.36 -18.78 -5.49
O3 SO4 B . -8.95 -17.31 -3.62
O4 SO4 B . -9.57 -19.57 -3.28
S SO4 C . -22.58 -9.22 9.78
O1 SO4 C . -23.07 -7.86 9.58
O2 SO4 C . -23.71 -10.15 9.56
O3 SO4 C . -21.53 -9.49 8.81
O4 SO4 C . -22.06 -9.37 11.11
C1 NAG D . -2.97 -11.42 20.86
C2 NAG D . -2.36 -10.87 22.15
C3 NAG D . -3.40 -10.07 22.93
C4 NAG D . -4.01 -8.99 22.05
C5 NAG D . -4.57 -9.62 20.77
C6 NAG D . -5.08 -8.59 19.79
C7 NAG D . -0.56 -12.38 22.87
C8 NAG D . -0.17 -13.50 23.80
N2 NAG D . -1.82 -11.94 22.98
O3 NAG D . -2.77 -9.47 24.06
O4 NAG D . -5.05 -8.34 22.75
O5 NAG D . -3.54 -10.35 20.10
O6 NAG D . -4.01 -7.86 19.18
O7 NAG D . 0.22 -11.92 22.05
S DMS E . 6.52 12.65 5.08
O DMS E . 7.49 11.87 4.22
C1 DMS E . 7.14 12.90 6.77
C2 DMS E . 5.06 11.62 5.43
C06 RD9 F . -7.90 -1.12 -5.45
C07 RD9 F . -7.98 -0.43 -4.09
C10 RD9 F . -9.22 1.62 -5.07
C11 RD9 F . -9.79 2.87 -4.46
C12 RD9 F . -9.42 2.85 -2.98
C13 RD9 F . -8.75 1.66 -2.71
C14 RD9 F . -8.27 1.38 -1.42
C15 RD9 F . -8.49 2.28 -0.38
C16 RD9 F . -9.17 3.48 -0.65
C17 RD9 F . -9.64 3.76 -1.92
C18 RD9 F . -10.36 5.10 -2.07
F19 RD9 F . -10.72 5.38 -3.37
F20 RD9 F . -9.49 6.06 -1.62
F21 RD9 F . -11.45 5.10 -1.25
N09 RD9 F . -8.62 0.87 -3.98
O08 RD9 F . -7.53 -0.96 -3.13
S SO4 G . -17.79 7.32 -23.19
O1 SO4 G . -18.87 6.68 -23.94
O2 SO4 G . -18.15 8.72 -22.91
O3 SO4 G . -16.58 7.28 -23.99
O4 SO4 G . -17.59 6.61 -21.93
S SO4 H . 0.28 17.17 17.86
O1 SO4 H . -0.83 16.81 18.77
O2 SO4 H . -0.24 17.24 16.49
O3 SO4 H . 0.81 18.48 18.25
O4 SO4 H . 1.34 16.18 17.96
S SO4 I . -3.07 5.44 17.35
O1 SO4 I . -4.15 5.92 18.22
O2 SO4 I . -3.17 3.99 17.20
O3 SO4 I . -3.16 6.07 16.03
O4 SO4 I . -1.78 5.78 17.96
#